data_7WTJ
#
_entry.id   7WTJ
#
_cell.length_a   1.00
_cell.length_b   1.00
_cell.length_c   1.00
_cell.angle_alpha   90.00
_cell.angle_beta   90.00
_cell.angle_gamma   90.00
#
_symmetry.space_group_name_H-M   'P 1'
#
loop_
_entity.id
_entity.type
_entity.pdbx_description
1 polymer 'Heavy chain of XGv286'
2 polymer 'Light chain of XGv286'
3 polymer 'Spike protein S1'
#
loop_
_entity_poly.entity_id
_entity_poly.type
_entity_poly.pdbx_seq_one_letter_code
_entity_poly.pdbx_strand_id
1 'polypeptide(L)'
;VQLVQSGAEVKKPGASVKVSCKASGYTFSSYYIHWVRQAPGQGPEWMAIINPGDGGASYAQKFQGRVTLTRDTSTSTLYM
ELSSLRSEDTAVYYCARAEGSSWLGWFDPWGQGTLVTV
;
H
2 'polypeptide(L)'
;SVLTQPPSASGTPGQRVTISCSGSSSNIGSNYVYWYQQLPGTAPKLLIYRNNQRPSGVPDRFSGSRSGTSASLAISGLRS
EDEADYYCAAWDDGLSGSGWVFGGGTKLT
;
L
3 'polypeptide(L)'
;PNITNLCPFDEVFNATRFASVYAWNRKRISNCVADYSVLYNLAPFFTFKCYGVSPTKLNDLCFTNVYADSFVIRGDEVRQ
IAPGQTGNIADYNYKLPDDFTGCVIAWNSNKLDSKVSGNYNYLYRLFRKSNLKPFERDISTEIYQAGNKPCNGVAGFNCY
FPLRSYSFRPTYGVGHQPYRVVVLSFELLHAPATVCGPKKS
;
E
#
# COMPACT_ATOMS: atom_id res chain seq x y z
N VAL A 1 19.10 -19.74 10.94
CA VAL A 1 18.33 -19.84 9.71
C VAL A 1 16.92 -20.32 10.00
N GLN A 2 16.51 -20.19 11.26
CA GLN A 2 15.19 -20.64 11.69
C GLN A 2 14.71 -19.78 12.85
N LEU A 3 13.40 -19.82 13.07
CA LEU A 3 12.76 -19.08 14.15
C LEU A 3 12.22 -20.06 15.18
N VAL A 4 12.36 -19.70 16.46
CA VAL A 4 11.89 -20.54 17.56
C VAL A 4 10.91 -19.75 18.40
N GLN A 5 9.81 -20.39 18.79
CA GLN A 5 8.77 -19.77 19.58
C GLN A 5 8.97 -20.10 21.06
N SER A 6 7.99 -19.71 21.86
CA SER A 6 7.97 -19.98 23.30
C SER A 6 6.78 -20.87 23.63
N GLY A 7 6.59 -21.12 24.92
CA GLY A 7 5.49 -21.92 25.41
C GLY A 7 4.51 -21.06 26.21
N ALA A 8 3.25 -21.48 26.24
CA ALA A 8 2.21 -20.75 26.94
C ALA A 8 1.10 -21.72 27.33
N GLU A 9 0.18 -21.23 28.15
CA GLU A 9 -0.91 -22.05 28.67
C GLU A 9 -2.19 -21.21 28.66
N VAL A 10 -3.21 -21.72 29.35
CA VAL A 10 -4.51 -21.06 29.38
C VAL A 10 -4.42 -19.79 30.22
N LYS A 11 -5.14 -18.75 29.79
CA LYS A 11 -5.22 -17.50 30.53
C LYS A 11 -6.68 -17.17 30.80
N LYS A 12 -6.92 -16.52 31.94
CA LYS A 12 -8.26 -16.19 32.36
C LYS A 12 -8.87 -15.13 31.44
N PRO A 13 -10.20 -15.14 31.27
CA PRO A 13 -10.84 -14.14 30.42
C PRO A 13 -10.68 -12.73 30.99
N GLY A 14 -10.68 -11.74 30.10
CA GLY A 14 -10.56 -10.36 30.50
C GLY A 14 -9.21 -10.03 31.12
N ALA A 15 -8.14 -10.50 30.50
CA ALA A 15 -6.78 -10.28 31.01
C ALA A 15 -5.88 -9.97 29.82
N SER A 16 -4.57 -10.02 30.05
CA SER A 16 -3.58 -9.77 29.02
C SER A 16 -2.61 -10.95 28.94
N VAL A 17 -2.07 -11.17 27.75
CA VAL A 17 -1.15 -12.28 27.50
C VAL A 17 0.11 -11.72 26.83
N LYS A 18 1.18 -12.50 26.90
CA LYS A 18 2.46 -12.16 26.32
C LYS A 18 2.87 -13.22 25.31
N VAL A 19 3.21 -12.78 24.10
CA VAL A 19 3.63 -13.66 23.01
C VAL A 19 5.01 -13.21 22.54
N SER A 20 5.94 -14.15 22.46
CA SER A 20 7.29 -13.83 22.03
C SER A 20 7.94 -15.05 21.39
N CYS A 21 8.72 -14.81 20.34
CA CYS A 21 9.47 -15.88 19.68
C CYS A 21 10.88 -15.39 19.39
N LYS A 22 11.87 -16.15 19.85
CA LYS A 22 13.26 -15.80 19.64
C LYS A 22 13.68 -16.07 18.19
N ALA A 23 14.54 -15.21 17.67
CA ALA A 23 15.03 -15.31 16.30
C ALA A 23 16.53 -15.54 16.29
N SER A 24 16.98 -16.33 15.32
CA SER A 24 18.39 -16.62 15.15
C SER A 24 18.66 -16.92 13.69
N GLY A 25 19.80 -16.47 13.19
CA GLY A 25 20.14 -16.68 11.79
C GLY A 25 20.47 -15.42 11.03
N TYR A 26 19.59 -15.05 10.09
CA TYR A 26 19.84 -13.94 9.17
C TYR A 26 19.94 -12.60 9.89
N THR A 27 20.23 -11.54 9.14
CA THR A 27 20.34 -10.22 9.72
C THR A 27 19.03 -9.79 10.37
N PHE A 28 19.14 -9.12 11.53
CA PHE A 28 17.97 -8.77 12.32
C PHE A 28 17.33 -7.45 11.91
N SER A 29 18.11 -6.52 11.38
CA SER A 29 17.63 -5.17 11.12
C SER A 29 17.37 -4.91 9.64
N SER A 30 17.32 -5.95 8.81
CA SER A 30 17.12 -5.77 7.37
C SER A 30 16.02 -6.67 6.82
N TYR A 31 15.11 -7.13 7.68
CA TYR A 31 14.05 -8.04 7.22
C TYR A 31 12.80 -7.77 8.05
N TYR A 32 11.69 -7.51 7.36
CA TYR A 32 10.42 -7.26 8.04
C TYR A 32 9.86 -8.55 8.63
N ILE A 33 8.99 -8.40 9.62
CA ILE A 33 8.40 -9.53 10.32
C ILE A 33 6.88 -9.39 10.28
N HIS A 34 6.20 -10.46 9.87
CA HIS A 34 4.74 -10.51 9.85
C HIS A 34 4.23 -11.34 11.01
N TRP A 35 3.09 -10.93 11.55
CA TRP A 35 2.39 -11.68 12.60
C TRP A 35 1.09 -12.22 12.02
N VAL A 36 0.85 -13.51 12.22
CA VAL A 36 -0.41 -14.14 11.83
C VAL A 36 -0.85 -15.10 12.93
N ARG A 37 -2.15 -15.14 13.19
CA ARG A 37 -2.74 -16.08 14.14
C ARG A 37 -3.78 -16.93 13.42
N GLN A 38 -3.79 -18.22 13.73
CA GLN A 38 -4.63 -19.19 13.04
C GLN A 38 -5.61 -19.80 14.03
N ALA A 39 -6.90 -19.71 13.71
CA ALA A 39 -7.96 -20.28 14.53
C ALA A 39 -8.48 -21.56 13.92
N PRO A 40 -8.75 -22.59 14.73
CA PRO A 40 -9.22 -23.86 14.17
C PRO A 40 -10.57 -23.72 13.51
N GLY A 41 -10.77 -24.51 12.46
CA GLY A 41 -12.01 -24.49 11.71
C GLY A 41 -12.10 -23.41 10.67
N GLN A 42 -11.03 -22.66 10.42
CA GLN A 42 -11.04 -21.59 9.43
C GLN A 42 -9.60 -21.30 9.01
N GLY A 43 -9.43 -20.28 8.19
CA GLY A 43 -8.12 -19.86 7.76
C GLY A 43 -7.46 -18.93 8.75
N PRO A 44 -6.22 -18.57 8.46
CA PRO A 44 -5.46 -17.69 9.35
C PRO A 44 -5.78 -16.22 9.05
N GLU A 45 -5.21 -15.34 9.87
CA GLU A 45 -5.47 -13.92 9.77
C GLU A 45 -4.17 -13.15 9.89
N TRP A 46 -4.15 -11.95 9.31
CA TRP A 46 -3.00 -11.06 9.37
C TRP A 46 -3.14 -10.14 10.58
N MET A 47 -2.02 -9.83 11.24
CA MET A 47 -2.07 -9.11 12.51
C MET A 47 -1.48 -7.72 12.42
N ALA A 48 -0.21 -7.60 12.01
CA ALA A 48 0.49 -6.33 12.03
C ALA A 48 1.81 -6.49 11.29
N ILE A 49 2.50 -5.37 11.10
CA ILE A 49 3.81 -5.36 10.45
C ILE A 49 4.83 -4.80 11.43
N ILE A 50 6.08 -5.27 11.31
CA ILE A 50 7.16 -4.89 12.20
C ILE A 50 8.33 -4.37 11.39
N ASN A 51 9.09 -3.43 11.94
CA ASN A 51 10.33 -2.96 11.28
C ASN A 51 11.38 -2.88 12.37
N PRO A 52 12.23 -3.88 12.53
CA PRO A 52 13.17 -3.98 13.65
C PRO A 52 14.04 -2.74 13.78
N GLY A 53 14.52 -2.51 15.00
CA GLY A 53 15.28 -1.31 15.29
C GLY A 53 14.41 -0.21 15.87
N ASP A 54 13.84 0.55 14.89
CA ASP A 54 13.01 1.75 15.16
C ASP A 54 11.60 1.34 15.45
N GLY A 55 11.39 0.06 15.65
CA GLY A 55 10.12 -0.49 16.11
C GLY A 55 8.90 0.15 15.51
N GLY A 56 8.98 0.62 14.27
CA GLY A 56 7.74 1.14 13.65
C GLY A 56 6.82 0.00 13.31
N ALA A 57 5.57 0.06 13.72
CA ALA A 57 4.65 -0.98 13.30
C ALA A 57 3.39 -0.37 12.75
N SER A 58 2.63 -1.10 11.98
CA SER A 58 1.32 -0.73 11.46
C SER A 58 0.36 -1.89 11.67
N TYR A 59 -0.87 -1.57 12.07
CA TYR A 59 -1.89 -2.54 12.42
C TYR A 59 -3.06 -2.45 11.44
N ALA A 60 -3.85 -3.51 11.40
CA ALA A 60 -5.05 -3.57 10.57
C ALA A 60 -6.19 -2.83 11.27
N GLN A 61 -7.40 -2.97 10.74
CA GLN A 61 -8.55 -2.28 11.35
C GLN A 61 -9.04 -3.01 12.58
N LYS A 62 -9.49 -4.25 12.42
CA LYS A 62 -10.17 -5.00 13.48
C LYS A 62 -9.26 -5.38 14.63
N PHE A 63 -7.99 -4.94 14.63
CA PHE A 63 -7.06 -5.33 15.68
C PHE A 63 -6.21 -4.15 16.15
N GLN A 64 -6.64 -2.93 15.85
CA GLN A 64 -5.94 -1.75 16.33
C GLN A 64 -6.20 -1.54 17.82
N GLY A 65 -5.22 -0.95 18.48
CA GLY A 65 -5.36 -0.66 19.91
C GLY A 65 -5.22 -1.84 20.84
N ARG A 66 -5.91 -2.95 20.54
CA ARG A 66 -5.86 -4.14 21.37
C ARG A 66 -4.50 -4.82 21.35
N VAL A 67 -3.61 -4.43 20.44
CA VAL A 67 -2.35 -5.12 20.22
C VAL A 67 -1.20 -4.15 20.50
N THR A 68 -0.24 -4.61 21.30
CA THR A 68 1.00 -3.88 21.55
C THR A 68 2.16 -4.69 20.99
N LEU A 69 3.10 -4.01 20.34
CA LEU A 69 4.17 -4.67 19.60
C LEU A 69 5.48 -3.94 19.85
N THR A 70 6.54 -4.69 20.11
CA THR A 70 7.82 -4.10 20.49
C THR A 70 8.95 -4.93 19.93
N ARG A 71 10.08 -4.27 19.65
CA ARG A 71 11.27 -4.95 19.17
C ARG A 71 12.50 -4.18 19.62
N ASP A 72 13.64 -4.87 19.61
CA ASP A 72 14.93 -4.27 19.93
C ASP A 72 15.99 -4.95 19.09
N THR A 73 17.26 -4.71 19.42
CA THR A 73 18.38 -5.22 18.64
C THR A 73 19.30 -6.13 19.45
N SER A 74 19.72 -5.70 20.64
CA SER A 74 20.69 -6.49 21.40
C SER A 74 20.10 -7.81 21.85
N THR A 75 18.91 -7.78 22.46
CA THR A 75 18.30 -9.01 22.95
C THR A 75 17.81 -9.88 21.79
N SER A 76 17.40 -9.24 20.68
CA SER A 76 16.91 -9.93 19.49
C SER A 76 15.65 -10.75 19.80
N THR A 77 14.65 -10.04 20.31
CA THR A 77 13.36 -10.64 20.65
C THR A 77 12.24 -9.75 20.12
N LEU A 78 11.08 -10.36 19.91
CA LEU A 78 9.88 -9.67 19.46
C LEU A 78 8.82 -9.81 20.54
N TYR A 79 8.26 -8.69 20.98
CA TYR A 79 7.27 -8.66 22.05
C TYR A 79 5.89 -8.43 21.46
N MET A 80 4.96 -9.34 21.74
CA MET A 80 3.60 -9.31 21.24
C MET A 80 2.67 -9.47 22.43
N GLU A 81 2.17 -8.35 22.96
CA GLU A 81 1.33 -8.35 24.15
C GLU A 81 -0.11 -8.06 23.74
N LEU A 82 -0.97 -9.06 23.85
CA LEU A 82 -2.39 -8.88 23.59
C LEU A 82 -3.11 -8.53 24.89
N SER A 83 -4.21 -7.77 24.77
CA SER A 83 -4.96 -7.30 25.91
C SER A 83 -6.45 -7.50 25.68
N SER A 84 -7.19 -7.57 26.79
CA SER A 84 -8.64 -7.73 26.77
C SER A 84 -9.04 -9.01 26.04
N LEU A 85 -8.49 -10.12 26.51
CA LEU A 85 -8.75 -11.42 25.90
C LEU A 85 -10.20 -11.84 26.10
N ARG A 86 -10.75 -12.51 25.09
CA ARG A 86 -12.10 -13.05 25.12
C ARG A 86 -12.06 -14.50 24.63
N SER A 87 -13.15 -15.21 24.86
CA SER A 87 -13.22 -16.62 24.49
C SER A 87 -13.15 -16.83 22.98
N GLU A 88 -13.44 -15.79 22.19
CA GLU A 88 -13.41 -15.92 20.74
C GLU A 88 -11.99 -15.97 20.18
N ASP A 89 -11.00 -15.51 20.96
CA ASP A 89 -9.64 -15.35 20.47
C ASP A 89 -8.74 -16.52 20.84
N THR A 90 -9.27 -17.74 20.85
CA THR A 90 -8.47 -18.93 21.08
C THR A 90 -7.84 -19.35 19.75
N ALA A 91 -6.54 -19.09 19.59
CA ALA A 91 -5.88 -19.37 18.33
C ALA A 91 -4.38 -19.52 18.56
N VAL A 92 -3.71 -20.13 17.58
CA VAL A 92 -2.27 -20.29 17.62
C VAL A 92 -1.61 -19.02 17.13
N TYR A 93 -0.46 -18.67 17.71
CA TYR A 93 0.27 -17.47 17.34
C TYR A 93 1.47 -17.84 16.48
N TYR A 94 1.56 -17.23 15.29
CA TYR A 94 2.65 -17.46 14.36
C TYR A 94 3.37 -16.15 14.08
N CYS A 95 4.68 -16.13 14.27
CA CYS A 95 5.51 -15.01 13.86
C CYS A 95 6.21 -15.39 12.56
N ALA A 96 5.91 -14.66 11.49
CA ALA A 96 6.34 -15.02 10.16
C ALA A 96 7.59 -14.24 9.77
N ARG A 97 7.99 -14.36 8.51
CA ARG A 97 9.18 -13.72 7.99
C ARG A 97 8.89 -13.27 6.55
N ALA A 98 9.51 -12.17 6.14
CA ALA A 98 9.09 -11.48 4.94
C ALA A 98 10.25 -11.35 3.95
N GLU A 99 9.98 -10.60 2.87
CA GLU A 99 10.98 -10.41 1.82
C GLU A 99 12.20 -9.66 2.33
N GLY A 100 11.99 -8.63 3.15
CA GLY A 100 13.08 -7.81 3.63
C GLY A 100 12.96 -6.37 3.17
N SER A 101 12.68 -5.47 4.11
CA SER A 101 12.49 -4.05 3.83
C SER A 101 11.37 -3.82 2.81
N SER A 102 10.36 -4.69 2.83
CA SER A 102 9.23 -4.56 1.92
C SER A 102 8.08 -5.40 2.47
N TRP A 103 6.94 -4.76 2.72
CA TRP A 103 5.81 -5.46 3.32
C TRP A 103 5.09 -6.38 2.35
N LEU A 104 5.35 -6.26 1.05
CA LEU A 104 4.69 -7.08 0.04
C LEU A 104 5.68 -8.08 -0.52
N GLY A 105 5.30 -9.36 -0.49
CA GLY A 105 6.17 -10.40 -0.98
C GLY A 105 5.70 -11.75 -0.45
N TRP A 106 6.54 -12.76 -0.70
CA TRP A 106 6.24 -14.12 -0.24
C TRP A 106 6.56 -14.24 1.24
N PHE A 107 6.45 -15.45 1.78
CA PHE A 107 6.71 -15.71 3.19
C PHE A 107 7.87 -16.70 3.32
N ASP A 108 8.92 -16.27 4.01
CA ASP A 108 10.00 -17.15 4.43
C ASP A 108 9.51 -18.02 5.58
N PRO A 109 10.28 -19.01 6.04
CA PRO A 109 9.71 -20.03 6.93
C PRO A 109 9.15 -19.43 8.21
N TRP A 110 8.04 -20.03 8.66
CA TRP A 110 7.29 -19.57 9.82
C TRP A 110 7.89 -20.18 11.10
N GLY A 111 7.18 -20.03 12.21
CA GLY A 111 7.58 -20.63 13.47
C GLY A 111 6.76 -21.87 13.81
N GLN A 112 7.10 -22.47 14.94
CA GLN A 112 6.39 -23.66 15.40
C GLN A 112 5.04 -23.34 16.03
N GLY A 113 4.81 -22.10 16.45
CA GLY A 113 3.49 -21.70 16.92
C GLY A 113 3.35 -21.78 18.43
N THR A 114 2.50 -20.89 18.96
CA THR A 114 2.17 -20.85 20.37
C THR A 114 0.66 -20.74 20.51
N LEU A 115 0.07 -21.60 21.33
CA LEU A 115 -1.37 -21.66 21.50
C LEU A 115 -1.77 -21.11 22.87
N VAL A 116 -2.74 -20.21 22.87
CA VAL A 116 -3.35 -19.70 24.09
C VAL A 116 -4.87 -19.77 23.93
N THR A 117 -5.55 -20.18 24.99
CA THR A 117 -7.00 -20.31 24.98
C THR A 117 -7.61 -19.55 26.14
N VAL A 118 -8.85 -19.14 25.97
CA VAL A 118 -9.57 -18.37 26.97
C VAL A 118 -10.77 -19.13 27.48
N SER B 1 -12.88 -8.24 0.13
CA SER B 1 -13.77 -9.39 0.13
C SER B 1 -13.31 -10.43 1.14
N VAL B 2 -13.57 -11.71 0.83
CA VAL B 2 -13.20 -12.81 1.70
C VAL B 2 -12.46 -13.92 0.96
N LEU B 3 -12.36 -13.83 -0.37
CA LEU B 3 -11.67 -14.83 -1.20
C LEU B 3 -12.33 -16.21 -1.03
N THR B 4 -13.58 -16.27 -1.49
CA THR B 4 -14.36 -17.50 -1.40
C THR B 4 -13.64 -18.65 -2.10
N GLN B 5 -13.60 -19.80 -1.44
CA GLN B 5 -12.92 -20.99 -1.92
C GLN B 5 -13.85 -22.19 -1.80
N PRO B 6 -13.76 -23.15 -2.71
CA PRO B 6 -14.57 -24.37 -2.61
C PRO B 6 -14.30 -25.07 -1.29
N PRO B 7 -15.37 -25.53 -0.61
CA PRO B 7 -15.17 -26.16 0.71
C PRO B 7 -14.30 -27.41 0.68
N SER B 8 -14.35 -28.19 -0.39
CA SER B 8 -13.56 -29.41 -0.47
C SER B 8 -13.44 -29.82 -1.93
N ALA B 9 -12.52 -30.76 -2.19
CA ALA B 9 -12.32 -31.28 -3.53
C ALA B 9 -11.73 -32.68 -3.40
N SER B 10 -12.48 -33.69 -3.81
CA SER B 10 -12.05 -35.07 -3.74
C SER B 10 -11.52 -35.54 -5.09
N GLY B 11 -10.91 -36.72 -5.09
CA GLY B 11 -10.35 -37.26 -6.31
C GLY B 11 -9.94 -38.70 -6.15
N THR B 12 -9.28 -39.21 -7.18
CA THR B 12 -8.78 -40.57 -7.23
C THR B 12 -7.30 -40.56 -7.61
N PRO B 13 -6.54 -41.55 -7.18
CA PRO B 13 -5.11 -41.60 -7.55
C PRO B 13 -4.93 -41.65 -9.06
N GLY B 14 -3.95 -40.89 -9.54
CA GLY B 14 -3.69 -40.77 -10.96
C GLY B 14 -4.54 -39.75 -11.69
N GLN B 15 -5.58 -39.22 -11.05
CA GLN B 15 -6.47 -38.25 -11.67
C GLN B 15 -5.95 -36.84 -11.43
N ARG B 16 -6.21 -35.96 -12.40
CA ARG B 16 -5.80 -34.56 -12.33
C ARG B 16 -7.01 -33.74 -11.87
N VAL B 17 -6.87 -33.05 -10.74
CA VAL B 17 -7.92 -32.22 -10.18
C VAL B 17 -7.38 -30.81 -9.99
N THR B 18 -8.20 -29.82 -10.33
CA THR B 18 -7.80 -28.42 -10.29
C THR B 18 -8.63 -27.68 -9.25
N ILE B 19 -7.95 -26.92 -8.38
CA ILE B 19 -8.60 -26.07 -7.40
C ILE B 19 -8.35 -24.62 -7.80
N SER B 20 -9.34 -23.76 -7.55
CA SER B 20 -9.26 -22.38 -8.00
C SER B 20 -9.95 -21.46 -7.01
N CYS B 21 -9.23 -20.45 -6.54
CA CYS B 21 -9.81 -19.42 -5.70
C CYS B 21 -10.60 -18.42 -6.54
N SER B 22 -11.70 -17.94 -5.97
CA SER B 22 -12.56 -16.98 -6.64
C SER B 22 -12.46 -15.63 -5.93
N GLY B 23 -12.14 -14.59 -6.70
CA GLY B 23 -11.99 -13.27 -6.13
C GLY B 23 -12.67 -12.19 -6.94
N SER B 24 -12.30 -10.93 -6.68
CA SER B 24 -12.89 -9.80 -7.40
C SER B 24 -11.82 -8.80 -7.79
N SER B 25 -12.25 -7.61 -8.25
CA SER B 25 -11.29 -6.57 -8.59
C SER B 25 -10.58 -6.06 -7.34
N SER B 26 -9.39 -5.49 -7.56
CA SER B 26 -8.52 -4.91 -6.54
C SER B 26 -7.94 -5.96 -5.59
N ASN B 27 -8.28 -7.23 -5.76
CA ASN B 27 -7.74 -8.29 -4.92
C ASN B 27 -7.04 -9.38 -5.72
N ILE B 28 -7.55 -9.71 -6.90
CA ILE B 28 -6.92 -10.68 -7.79
C ILE B 28 -6.57 -9.97 -9.10
N GLY B 29 -7.36 -8.95 -9.44
CA GLY B 29 -7.16 -8.25 -10.69
C GLY B 29 -5.88 -7.44 -10.73
N SER B 30 -5.54 -6.80 -9.61
CA SER B 30 -4.42 -5.87 -9.56
C SER B 30 -3.14 -6.50 -9.02
N ASN B 31 -3.20 -7.04 -7.80
CA ASN B 31 -2.00 -7.54 -7.15
C ASN B 31 -1.76 -9.01 -7.48
N TYR B 32 -0.62 -9.52 -7.00
CA TYR B 32 -0.24 -10.89 -7.26
C TYR B 32 -1.13 -11.85 -6.47
N VAL B 33 -1.07 -13.13 -6.83
CA VAL B 33 -1.81 -14.19 -6.16
C VAL B 33 -0.83 -15.29 -5.79
N TYR B 34 -0.87 -15.73 -4.53
CA TYR B 34 0.01 -16.77 -4.04
C TYR B 34 -0.78 -18.04 -3.75
N TRP B 35 -0.06 -19.08 -3.35
CA TRP B 35 -0.66 -20.36 -2.99
C TRP B 35 0.20 -20.99 -1.90
N TYR B 36 -0.43 -21.30 -0.77
CA TYR B 36 0.25 -21.89 0.39
C TYR B 36 -0.34 -23.26 0.67
N GLN B 37 0.52 -24.21 1.05
CA GLN B 37 0.12 -25.58 1.33
C GLN B 37 0.41 -25.90 2.79
N GLN B 38 -0.59 -26.45 3.48
CA GLN B 38 -0.49 -26.82 4.88
C GLN B 38 -0.71 -28.33 5.02
N LEU B 39 0.19 -28.99 5.73
CA LEU B 39 0.04 -30.40 6.03
C LEU B 39 -0.41 -30.58 7.48
N PRO B 40 -1.20 -31.62 7.78
CA PRO B 40 -1.67 -31.82 9.14
C PRO B 40 -0.52 -32.11 10.09
N GLY B 41 -0.63 -31.59 11.32
CA GLY B 41 0.40 -31.79 12.32
C GLY B 41 1.69 -31.06 12.06
N THR B 42 1.66 -30.01 11.23
CA THR B 42 2.85 -29.26 10.88
C THR B 42 2.49 -27.77 10.87
N ALA B 43 3.39 -26.98 10.30
CA ALA B 43 3.23 -25.53 10.17
C ALA B 43 2.90 -25.16 8.74
N PRO B 44 2.25 -24.01 8.51
CA PRO B 44 1.97 -23.59 7.14
C PRO B 44 3.24 -23.40 6.34
N LYS B 45 3.16 -23.75 5.05
CA LYS B 45 4.29 -23.65 4.14
C LYS B 45 3.83 -23.00 2.84
N LEU B 46 4.78 -22.38 2.15
CA LEU B 46 4.49 -21.76 0.87
C LEU B 46 4.60 -22.78 -0.25
N LEU B 47 3.72 -22.64 -1.24
CA LEU B 47 3.73 -23.50 -2.41
C LEU B 47 4.16 -22.78 -3.67
N ILE B 48 3.75 -21.52 -3.84
CA ILE B 48 4.11 -20.77 -5.04
C ILE B 48 4.44 -19.32 -4.69
N TYR B 49 5.21 -18.70 -5.57
CA TYR B 49 5.45 -17.26 -5.61
C TYR B 49 4.38 -16.59 -6.44
N ARG B 50 4.65 -15.36 -6.88
CA ARG B 50 3.85 -14.69 -7.89
C ARG B 50 3.40 -15.69 -8.95
N ASN B 51 2.19 -15.50 -9.46
CA ASN B 51 1.53 -16.59 -10.17
C ASN B 51 2.29 -16.93 -11.45
N ASN B 52 3.24 -17.85 -11.29
CA ASN B 52 4.29 -18.09 -12.26
C ASN B 52 5.01 -19.37 -11.83
N GLN B 53 6.22 -19.60 -12.33
CA GLN B 53 6.98 -20.83 -12.13
C GLN B 53 7.16 -21.13 -10.63
N ARG B 54 7.64 -22.34 -10.36
CA ARG B 54 7.75 -22.85 -9.00
C ARG B 54 8.76 -22.03 -8.19
N PRO B 55 8.54 -21.90 -6.87
CA PRO B 55 9.37 -21.00 -6.07
C PRO B 55 10.84 -21.38 -5.99
N SER B 56 11.15 -22.56 -5.45
CA SER B 56 12.54 -22.98 -5.37
C SER B 56 12.75 -24.41 -5.86
N GLY B 57 11.85 -25.33 -5.53
CA GLY B 57 11.97 -26.70 -5.95
C GLY B 57 10.75 -27.54 -5.63
N VAL B 58 10.23 -28.23 -6.64
CA VAL B 58 9.03 -29.07 -6.54
C VAL B 58 8.89 -29.74 -7.90
N PRO B 59 8.25 -30.91 -8.01
CA PRO B 59 7.95 -31.45 -9.33
C PRO B 59 7.12 -30.45 -10.15
N ASP B 60 7.43 -30.38 -11.45
CA ASP B 60 6.74 -29.45 -12.33
C ASP B 60 5.26 -29.73 -12.46
N ARG B 61 4.78 -30.82 -11.87
CA ARG B 61 3.35 -31.15 -11.90
C ARG B 61 2.51 -30.08 -11.21
N PHE B 62 3.09 -29.30 -10.31
CA PHE B 62 2.39 -28.22 -9.64
C PHE B 62 2.59 -26.92 -10.39
N SER B 63 1.50 -26.37 -10.93
CA SER B 63 1.55 -25.11 -11.66
C SER B 63 0.14 -24.53 -11.70
N GLY B 64 0.05 -23.28 -12.12
CA GLY B 64 -1.23 -22.60 -12.19
C GLY B 64 -1.08 -21.23 -12.80
N SER B 65 -2.21 -20.53 -12.88
CA SER B 65 -2.23 -19.21 -13.51
C SER B 65 -3.40 -18.41 -12.95
N ARG B 66 -3.68 -17.27 -13.57
CA ARG B 66 -4.76 -16.39 -13.14
C ARG B 66 -5.36 -15.71 -14.35
N SER B 67 -6.69 -15.65 -14.39
CA SER B 67 -7.42 -14.97 -15.45
C SER B 67 -8.49 -14.08 -14.83
N GLY B 68 -8.59 -12.86 -15.34
CA GLY B 68 -9.62 -11.93 -14.90
C GLY B 68 -9.60 -11.65 -13.42
N THR B 69 -10.62 -12.14 -12.71
CA THR B 69 -10.75 -11.96 -11.27
C THR B 69 -10.69 -13.30 -10.54
N SER B 70 -10.00 -14.28 -11.11
CA SER B 70 -9.87 -15.59 -10.46
C SER B 70 -8.52 -16.18 -10.81
N ALA B 71 -8.09 -17.16 -10.01
CA ALA B 71 -6.84 -17.86 -10.23
C ALA B 71 -7.06 -19.35 -10.02
N SER B 72 -6.29 -20.16 -10.73
CA SER B 72 -6.44 -21.60 -10.71
C SER B 72 -5.09 -22.28 -10.52
N LEU B 73 -5.12 -23.40 -9.82
CA LEU B 73 -3.96 -24.26 -9.59
C LEU B 73 -4.31 -25.66 -10.05
N ALA B 74 -3.50 -26.22 -10.94
CA ALA B 74 -3.75 -27.55 -11.50
C ALA B 74 -2.91 -28.57 -10.74
N ILE B 75 -3.54 -29.64 -10.26
CA ILE B 75 -2.89 -30.69 -9.50
C ILE B 75 -3.16 -32.02 -10.18
N SER B 76 -2.10 -32.77 -10.47
CA SER B 76 -2.20 -34.12 -11.01
C SER B 76 -1.35 -35.04 -10.15
N GLY B 77 -1.37 -36.33 -10.49
CA GLY B 77 -0.57 -37.31 -9.78
C GLY B 77 -0.90 -37.37 -8.30
N LEU B 78 -2.19 -37.47 -7.98
CA LEU B 78 -2.63 -37.45 -6.60
C LEU B 78 -2.01 -38.61 -5.82
N ARG B 79 -1.48 -38.29 -4.64
CA ARG B 79 -0.94 -39.28 -3.71
C ARG B 79 -1.72 -39.21 -2.40
N SER B 80 -1.52 -40.24 -1.56
CA SER B 80 -2.08 -40.21 -0.22
C SER B 80 -1.29 -39.30 0.71
N GLU B 81 -0.05 -38.98 0.35
CA GLU B 81 0.75 -38.02 1.12
C GLU B 81 0.39 -36.58 0.81
N ASP B 82 -0.23 -36.33 -0.34
CA ASP B 82 -0.62 -34.98 -0.74
C ASP B 82 -1.97 -34.56 -0.18
N GLU B 83 -2.64 -35.43 0.57
CA GLU B 83 -3.90 -35.07 1.22
C GLU B 83 -3.65 -33.94 2.21
N ALA B 84 -4.14 -32.75 1.90
CA ALA B 84 -3.84 -31.56 2.69
C ALA B 84 -4.85 -30.48 2.34
N ASP B 85 -4.58 -29.25 2.81
CA ASP B 85 -5.42 -28.10 2.54
C ASP B 85 -4.56 -26.97 1.98
N TYR B 86 -5.18 -26.13 1.14
CA TYR B 86 -4.46 -25.10 0.40
C TYR B 86 -5.17 -23.76 0.59
N TYR B 87 -4.38 -22.69 0.60
CA TYR B 87 -4.89 -21.35 0.82
C TYR B 87 -4.33 -20.38 -0.21
N CYS B 88 -5.08 -19.31 -0.45
CA CYS B 88 -4.70 -18.23 -1.35
C CYS B 88 -4.37 -16.98 -0.54
N ALA B 89 -3.40 -16.22 -1.03
CA ALA B 89 -2.99 -14.99 -0.39
C ALA B 89 -2.80 -13.90 -1.44
N ALA B 90 -3.26 -12.69 -1.12
CA ALA B 90 -3.14 -11.56 -2.04
C ALA B 90 -3.43 -10.28 -1.27
N TRP B 91 -2.94 -9.17 -1.82
CA TRP B 91 -3.22 -7.86 -1.27
C TRP B 91 -4.69 -7.51 -1.51
N ASP B 92 -5.19 -6.55 -0.73
CA ASP B 92 -6.61 -6.20 -0.76
C ASP B 92 -6.85 -4.77 -1.27
N ASP B 93 -6.21 -3.77 -0.67
CA ASP B 93 -6.40 -2.37 -1.07
C ASP B 93 -7.87 -1.97 -1.03
N GLY B 94 -8.62 -2.49 -0.06
CA GLY B 94 -10.03 -2.21 0.07
C GLY B 94 -10.31 -0.90 0.77
N LEU B 95 -11.60 -0.65 0.98
CA LEU B 95 -12.04 0.58 1.65
C LEU B 95 -12.02 0.36 3.15
N SER B 96 -11.35 1.29 3.86
CA SER B 96 -11.23 1.24 5.32
C SER B 96 -10.62 -0.09 5.77
N GLY B 97 -9.34 -0.25 5.43
CA GLY B 97 -8.61 -1.45 5.81
C GLY B 97 -8.10 -2.22 4.61
N SER B 98 -6.81 -2.57 4.63
CA SER B 98 -6.21 -3.31 3.52
C SER B 98 -5.05 -4.16 4.01
N GLY B 99 -5.30 -5.45 4.24
CA GLY B 99 -4.28 -6.32 4.77
C GLY B 99 -3.92 -7.51 3.89
N TRP B 100 -4.13 -8.70 4.42
CA TRP B 100 -3.70 -9.95 3.80
C TRP B 100 -4.83 -10.98 3.85
N VAL B 101 -6.01 -10.59 3.36
CA VAL B 101 -7.16 -11.48 3.35
C VAL B 101 -6.82 -12.82 2.71
N PHE B 102 -6.92 -13.89 3.49
CA PHE B 102 -6.62 -15.24 3.02
C PHE B 102 -7.88 -15.88 2.43
N GLY B 103 -7.83 -17.18 2.20
CA GLY B 103 -8.97 -17.93 1.70
C GLY B 103 -9.74 -18.59 2.82
N GLY B 104 -10.52 -19.60 2.44
CA GLY B 104 -11.33 -20.32 3.40
C GLY B 104 -10.68 -21.62 3.83
N GLY B 105 -11.18 -22.74 3.31
CA GLY B 105 -10.63 -24.04 3.62
C GLY B 105 -11.08 -25.11 2.66
N THR B 106 -10.14 -25.92 2.16
CA THR B 106 -10.43 -26.98 1.20
C THR B 106 -9.89 -28.30 1.72
N LYS B 107 -10.62 -29.38 1.41
CA LYS B 107 -10.24 -30.72 1.80
C LYS B 107 -9.86 -31.52 0.56
N LEU B 108 -8.68 -32.13 0.57
CA LEU B 108 -8.18 -32.92 -0.54
C LEU B 108 -8.13 -34.39 -0.14
N THR B 109 -8.50 -35.26 -1.08
CA THR B 109 -8.47 -36.69 -0.85
C THR B 109 -7.52 -37.39 -1.80
N ILE C 3 11.77 20.74 -34.07
CA ILE C 3 12.52 19.65 -34.69
C ILE C 3 13.73 19.29 -33.82
N THR C 4 13.53 18.30 -32.95
CA THR C 4 14.58 17.87 -32.03
C THR C 4 14.22 16.47 -31.53
N ASN C 5 14.91 16.02 -30.49
CA ASN C 5 14.82 14.61 -30.09
C ASN C 5 13.57 14.30 -29.27
N LEU C 6 13.43 14.89 -28.09
CA LEU C 6 12.37 14.51 -27.17
C LEU C 6 12.37 15.45 -25.97
N CYS C 7 11.23 15.42 -25.19
CA CYS C 7 10.94 16.15 -23.97
C CYS C 7 11.25 15.30 -22.74
N PRO C 8 11.57 15.93 -21.60
CA PRO C 8 11.91 15.19 -20.37
C PRO C 8 10.68 14.71 -19.59
N PHE C 9 9.72 14.12 -20.31
CA PHE C 9 8.49 13.68 -19.67
C PHE C 9 8.76 12.62 -18.61
N ASP C 10 9.68 11.69 -18.89
CA ASP C 10 10.03 10.67 -17.92
C ASP C 10 10.91 11.20 -16.80
N GLU C 11 11.39 12.45 -16.90
CA GLU C 11 12.17 13.01 -15.80
C GLU C 11 11.30 13.50 -14.66
N VAL C 12 9.99 13.62 -14.88
CA VAL C 12 9.06 14.08 -13.86
C VAL C 12 8.16 12.95 -13.38
N PHE C 13 7.50 12.25 -14.32
CA PHE C 13 6.59 11.18 -13.95
C PHE C 13 7.29 9.99 -13.29
N ASN C 14 8.60 9.84 -13.51
CA ASN C 14 9.35 8.71 -12.97
C ASN C 14 10.38 9.14 -11.94
N ALA C 15 10.28 10.35 -11.41
CA ALA C 15 11.19 10.80 -10.39
C ALA C 15 10.93 10.08 -9.07
N THR C 16 11.95 10.06 -8.22
CA THR C 16 11.84 9.37 -6.93
C THR C 16 11.36 10.31 -5.82
N ARG C 17 11.88 11.53 -5.78
CA ARG C 17 11.49 12.51 -4.79
C ARG C 17 10.46 13.46 -5.37
N PHE C 18 9.36 13.67 -4.65
CA PHE C 18 8.27 14.52 -5.09
C PHE C 18 8.09 15.67 -4.09
N ALA C 19 7.86 16.87 -4.63
CA ALA C 19 7.71 18.05 -3.80
C ALA C 19 6.43 17.98 -2.96
N SER C 20 6.50 18.59 -1.78
CA SER C 20 5.36 18.62 -0.89
C SER C 20 4.28 19.55 -1.43
N VAL C 21 3.15 19.61 -0.73
CA VAL C 21 2.01 20.39 -1.21
C VAL C 21 2.33 21.89 -1.18
N TYR C 22 2.94 22.37 -0.10
CA TYR C 22 3.14 23.80 0.08
C TYR C 22 4.38 24.32 -0.64
N ALA C 23 5.14 23.47 -1.31
CA ALA C 23 6.35 23.88 -2.00
C ALA C 23 6.41 23.24 -3.39
N TRP C 24 5.30 23.28 -4.12
CA TRP C 24 5.26 22.70 -5.44
C TRP C 24 6.19 23.45 -6.39
N ASN C 25 6.88 22.71 -7.25
CA ASN C 25 7.91 23.25 -8.11
C ASN C 25 7.47 23.22 -9.57
N ARG C 26 7.87 24.25 -10.31
CA ARG C 26 7.52 24.35 -11.73
C ARG C 26 8.55 23.56 -12.54
N LYS C 27 8.48 23.71 -13.86
CA LYS C 27 9.50 23.18 -14.76
C LYS C 27 9.36 23.87 -16.10
N ARG C 28 10.49 24.04 -16.79
CA ARG C 28 10.54 24.73 -18.07
C ARG C 28 10.70 23.67 -19.17
N ILE C 29 9.58 23.13 -19.63
CA ILE C 29 9.57 22.20 -20.75
C ILE C 29 9.36 23.01 -22.03
N SER C 30 10.42 23.13 -22.83
CA SER C 30 10.35 23.91 -24.06
C SER C 30 11.45 23.45 -25.00
N ASN C 31 11.29 23.80 -26.27
CA ASN C 31 12.24 23.47 -27.33
C ASN C 31 12.49 21.96 -27.39
N CYS C 32 11.43 21.18 -27.23
CA CYS C 32 11.52 19.72 -27.27
C CYS C 32 10.35 19.18 -28.09
N VAL C 33 10.33 17.86 -28.24
CA VAL C 33 9.29 17.16 -29.00
C VAL C 33 8.56 16.24 -28.04
N ALA C 34 7.24 16.41 -27.93
CA ALA C 34 6.43 15.72 -26.94
C ALA C 34 5.59 14.64 -27.62
N ASP C 35 5.65 13.43 -27.06
CA ASP C 35 4.85 12.30 -27.53
C ASP C 35 3.98 11.89 -26.36
N TYR C 36 2.69 12.22 -26.43
CA TYR C 36 1.77 11.96 -25.33
C TYR C 36 1.25 10.52 -25.31
N SER C 37 1.58 9.70 -26.30
CA SER C 37 1.11 8.32 -26.31
C SER C 37 1.69 7.52 -25.16
N VAL C 38 2.95 7.80 -24.80
CA VAL C 38 3.62 7.05 -23.74
C VAL C 38 3.01 7.29 -22.36
N LEU C 39 2.13 8.28 -22.23
CA LEU C 39 1.48 8.52 -20.94
C LEU C 39 0.58 7.35 -20.55
N TYR C 40 -0.10 6.76 -21.52
CA TYR C 40 -1.02 5.66 -21.24
C TYR C 40 -0.25 4.37 -20.97
N ASN C 41 0.39 4.27 -19.80
CA ASN C 41 1.18 3.09 -19.50
C ASN C 41 0.80 2.48 -18.15
N LEU C 42 0.38 3.32 -17.21
CA LEU C 42 -0.01 2.83 -15.89
C LEU C 42 -1.52 2.62 -15.85
N ALA C 43 -1.93 1.46 -15.34
CA ALA C 43 -3.36 1.13 -15.27
C ALA C 43 -4.17 2.12 -14.43
N PRO C 44 -3.74 2.53 -13.19
CA PRO C 44 -4.62 3.32 -12.32
C PRO C 44 -4.66 4.81 -12.65
N PHE C 45 -4.87 5.13 -13.93
CA PHE C 45 -5.21 6.49 -14.33
C PHE C 45 -6.70 6.76 -14.12
N PHE C 46 -7.13 6.55 -12.88
CA PHE C 46 -8.52 6.81 -12.52
C PHE C 46 -8.83 8.31 -12.49
N THR C 47 -7.81 9.17 -12.60
CA THR C 47 -8.00 10.61 -12.65
C THR C 47 -7.12 11.14 -13.78
N PHE C 48 -7.66 11.14 -15.00
CA PHE C 48 -7.01 11.75 -16.15
C PHE C 48 -7.96 12.73 -16.83
N LYS C 49 -9.09 13.06 -16.19
CA LYS C 49 -10.08 13.94 -16.79
C LYS C 49 -9.44 15.26 -17.17
N CYS C 50 -9.69 15.70 -18.40
CA CYS C 50 -8.95 16.81 -18.98
C CYS C 50 -9.92 17.91 -19.38
N TYR C 51 -9.58 19.16 -19.05
CA TYR C 51 -10.52 20.27 -19.11
C TYR C 51 -10.39 21.11 -20.38
N GLY C 52 -9.21 21.66 -20.63
CA GLY C 52 -9.06 22.58 -21.74
C GLY C 52 -9.23 21.92 -23.10
N VAL C 53 -8.64 20.74 -23.28
CA VAL C 53 -8.65 20.04 -24.56
C VAL C 53 -9.00 18.59 -24.32
N SER C 54 -9.50 17.94 -25.37
CA SER C 54 -9.85 16.53 -25.30
C SER C 54 -8.61 15.68 -25.54
N PRO C 55 -8.29 14.73 -24.67
CA PRO C 55 -7.06 13.95 -24.83
C PRO C 55 -6.98 13.19 -26.15
N THR C 56 -8.10 12.70 -26.67
CA THR C 56 -8.07 11.89 -27.89
C THR C 56 -7.49 12.68 -29.05
N LYS C 57 -7.94 13.92 -29.23
CA LYS C 57 -7.32 14.82 -30.20
C LYS C 57 -6.21 15.65 -29.56
N LEU C 58 -5.30 14.96 -28.86
CA LEU C 58 -4.25 15.66 -28.14
C LEU C 58 -2.98 15.85 -28.95
N ASN C 59 -2.76 15.05 -29.99
CA ASN C 59 -1.61 15.26 -30.87
C ASN C 59 -2.09 15.50 -32.30
N ASP C 60 -2.53 16.71 -32.55
CA ASP C 60 -2.55 17.27 -33.90
C ASP C 60 -2.28 18.76 -33.92
N LEU C 61 -2.01 19.38 -32.77
CA LEU C 61 -1.73 20.80 -32.65
C LEU C 61 -0.76 20.97 -31.50
N CYS C 62 -0.10 22.13 -31.45
CA CYS C 62 0.87 22.33 -30.38
C CYS C 62 0.86 23.77 -29.89
N PHE C 63 1.70 24.02 -28.90
CA PHE C 63 1.49 25.02 -27.86
C PHE C 63 2.58 26.08 -27.93
N THR C 64 2.57 26.98 -26.94
CA THR C 64 3.58 28.03 -26.80
C THR C 64 4.50 27.82 -25.61
N ASN C 65 3.95 27.49 -24.45
CA ASN C 65 4.76 27.16 -23.28
C ASN C 65 3.93 26.31 -22.33
N VAL C 66 4.60 25.37 -21.66
CA VAL C 66 3.93 24.45 -20.75
C VAL C 66 4.65 24.47 -19.41
N TYR C 67 3.92 24.09 -18.36
CA TYR C 67 4.44 24.05 -17.01
C TYR C 67 3.92 22.79 -16.34
N ALA C 68 4.81 22.09 -15.63
CA ALA C 68 4.48 20.81 -15.00
C ALA C 68 4.66 20.94 -13.49
N ASP C 69 3.57 21.23 -12.78
CA ASP C 69 3.59 21.18 -11.33
C ASP C 69 3.47 19.74 -10.86
N SER C 70 3.74 19.52 -9.57
CA SER C 70 3.69 18.17 -9.04
C SER C 70 3.68 18.21 -7.53
N PHE C 71 2.90 17.32 -6.92
CA PHE C 71 2.89 17.20 -5.46
C PHE C 71 2.26 15.86 -5.08
N VAL C 72 2.12 15.64 -3.78
CA VAL C 72 1.55 14.40 -3.23
C VAL C 72 0.48 14.79 -2.23
N ILE C 73 -0.73 14.28 -2.42
CA ILE C 73 -1.85 14.57 -1.52
C ILE C 73 -2.48 13.26 -1.07
N ARG C 74 -3.57 13.34 -0.33
CA ARG C 74 -4.33 12.15 0.05
C ARG C 74 -5.54 12.01 -0.85
N GLY C 75 -6.14 10.81 -0.82
CA GLY C 75 -7.18 10.48 -1.78
C GLY C 75 -8.41 11.38 -1.68
N ASP C 76 -8.84 11.69 -0.45
CA ASP C 76 -10.07 12.44 -0.27
C ASP C 76 -10.03 13.78 -1.01
N GLU C 77 -8.89 14.46 -0.98
CA GLU C 77 -8.78 15.76 -1.61
C GLU C 77 -8.41 15.70 -3.08
N VAL C 78 -8.24 14.50 -3.66
CA VAL C 78 -7.97 14.40 -5.09
C VAL C 78 -9.08 15.07 -5.89
N ARG C 79 -10.30 15.06 -5.37
CA ARG C 79 -11.42 15.69 -6.07
C ARG C 79 -11.30 17.21 -6.10
N GLN C 80 -10.67 17.82 -5.09
CA GLN C 80 -10.70 19.27 -4.95
C GLN C 80 -9.51 19.97 -5.59
N ILE C 81 -8.88 19.33 -6.58
CA ILE C 81 -7.86 20.02 -7.39
C ILE C 81 -8.48 20.75 -8.56
N ALA C 82 -9.65 20.32 -9.03
CA ALA C 82 -10.33 21.01 -10.11
C ALA C 82 -10.67 22.44 -9.70
N PRO C 83 -10.72 23.37 -10.65
CA PRO C 83 -10.95 24.78 -10.29
C PRO C 83 -12.31 25.00 -9.66
N GLY C 84 -12.38 25.98 -8.77
CA GLY C 84 -13.63 26.37 -8.13
C GLY C 84 -14.02 25.57 -6.91
N GLN C 85 -13.18 24.66 -6.45
CA GLN C 85 -13.52 23.85 -5.29
C GLN C 85 -13.22 24.60 -4.00
N THR C 86 -13.71 24.06 -2.89
CA THR C 86 -13.49 24.62 -1.56
C THR C 86 -13.01 23.52 -0.64
N GLY C 87 -11.92 23.76 0.08
CA GLY C 87 -11.37 22.78 0.99
C GLY C 87 -10.17 23.35 1.71
N ASN C 88 -9.68 22.57 2.67
CA ASN C 88 -8.54 23.00 3.47
C ASN C 88 -7.21 22.92 2.72
N ILE C 89 -7.18 22.31 1.54
CA ILE C 89 -5.98 22.31 0.71
C ILE C 89 -6.14 23.15 -0.54
N ALA C 90 -7.37 23.42 -0.98
CA ALA C 90 -7.61 24.26 -2.15
C ALA C 90 -7.82 25.73 -1.78
N ASP C 91 -7.70 26.08 -0.50
CA ASP C 91 -7.86 27.46 -0.06
C ASP C 91 -6.66 28.01 0.68
N TYR C 92 -5.76 27.16 1.17
CA TYR C 92 -4.59 27.63 1.92
C TYR C 92 -3.26 27.13 1.37
N ASN C 93 -3.24 26.12 0.51
CA ASN C 93 -1.99 25.54 0.03
C ASN C 93 -1.80 25.67 -1.48
N TYR C 94 -2.82 25.30 -2.26
CA TYR C 94 -2.68 25.35 -3.72
C TYR C 94 -4.08 25.43 -4.34
N LYS C 95 -4.23 26.31 -5.33
CA LYS C 95 -5.49 26.41 -6.05
C LYS C 95 -5.21 26.87 -7.47
N LEU C 96 -6.19 26.64 -8.34
CA LEU C 96 -6.08 26.88 -9.77
C LEU C 96 -6.99 28.04 -10.19
N PRO C 97 -6.64 28.75 -11.27
CA PRO C 97 -7.48 29.86 -11.71
C PRO C 97 -8.77 29.36 -12.37
N ASP C 98 -9.70 30.30 -12.54
CA ASP C 98 -11.02 29.94 -13.06
C ASP C 98 -10.98 29.59 -14.55
N ASP C 99 -10.10 30.23 -15.31
CA ASP C 99 -9.99 30.00 -16.75
C ASP C 99 -8.87 29.02 -17.07
N PHE C 100 -8.71 28.01 -16.21
CA PHE C 100 -7.59 27.08 -16.33
C PHE C 100 -7.61 26.36 -17.67
N THR C 101 -6.41 26.19 -18.24
CA THR C 101 -6.21 25.40 -19.44
C THR C 101 -5.11 24.38 -19.15
N GLY C 102 -5.14 23.26 -19.86
CA GLY C 102 -4.36 22.11 -19.46
C GLY C 102 -5.16 21.30 -18.47
N CYS C 103 -4.54 20.25 -17.94
CA CYS C 103 -5.29 19.31 -17.12
C CYS C 103 -4.36 18.43 -16.29
N VAL C 104 -4.97 17.53 -15.53
CA VAL C 104 -4.37 16.88 -14.37
C VAL C 104 -4.24 15.39 -14.61
N ILE C 105 -3.17 14.80 -14.07
CA ILE C 105 -2.93 13.37 -14.10
C ILE C 105 -2.65 12.90 -12.69
N ALA C 106 -3.39 11.89 -12.23
CA ALA C 106 -3.20 11.34 -10.90
C ALA C 106 -3.30 9.83 -10.94
N TRP C 107 -2.61 9.18 -10.01
CA TRP C 107 -2.63 7.73 -9.92
C TRP C 107 -2.22 7.29 -8.53
N ASN C 108 -2.52 6.10 -8.06
CA ASN C 108 -2.25 5.80 -6.64
C ASN C 108 -0.80 5.43 -6.55
N SER C 109 -0.15 5.71 -5.43
CA SER C 109 1.22 5.25 -5.22
C SER C 109 1.25 4.88 -3.80
N ASN C 110 0.88 3.67 -3.52
CA ASN C 110 1.03 3.20 -2.13
C ASN C 110 2.06 2.07 -2.11
N LYS C 111 3.04 2.05 -3.01
CA LYS C 111 4.12 1.03 -2.95
C LYS C 111 5.46 1.71 -2.85
N LEU C 112 5.51 3.02 -2.99
CA LEU C 112 6.80 3.75 -2.98
C LEU C 112 6.77 4.82 -1.92
N ASP C 113 5.84 5.77 -2.00
CA ASP C 113 5.75 6.88 -1.03
C ASP C 113 4.90 6.46 0.13
N SER C 114 5.27 5.43 0.84
CA SER C 114 4.53 5.09 2.05
C SER C 114 5.47 4.25 2.88
N LYS C 115 5.14 3.91 4.11
CA LYS C 115 6.13 3.12 4.84
C LYS C 115 5.57 2.49 6.09
N VAL C 116 6.08 1.34 6.43
CA VAL C 116 5.55 0.59 7.58
C VAL C 116 5.71 1.45 8.80
N SER C 117 6.86 2.06 9.03
CA SER C 117 6.99 2.84 10.29
C SER C 117 6.12 4.08 10.14
N GLY C 118 6.08 4.62 8.94
CA GLY C 118 5.31 5.84 8.70
C GLY C 118 6.12 6.65 7.74
N ASN C 119 5.79 7.90 7.57
CA ASN C 119 6.65 8.75 6.74
C ASN C 119 6.24 10.21 6.99
N TYR C 120 6.96 10.88 7.88
CA TYR C 120 6.70 12.28 8.19
C TYR C 120 7.55 13.23 7.34
N ASN C 121 7.50 13.05 6.02
CA ASN C 121 8.24 13.91 5.11
C ASN C 121 7.34 14.78 4.23
N TYR C 122 6.04 14.53 4.22
CA TYR C 122 5.09 15.34 3.49
C TYR C 122 4.17 16.04 4.47
N LEU C 123 4.03 17.36 4.32
CA LEU C 123 3.27 18.16 5.26
C LEU C 123 2.74 19.39 4.57
N TYR C 124 1.56 19.84 5.01
CA TYR C 124 0.87 20.97 4.41
C TYR C 124 0.75 22.09 5.43
N ARG C 125 0.03 23.14 5.03
CA ARG C 125 -0.25 24.28 5.89
C ARG C 125 -1.76 24.38 6.08
N LEU C 126 -2.21 24.29 7.33
CA LEU C 126 -3.63 24.33 7.65
C LEU C 126 -4.06 25.68 8.21
N PHE C 127 -3.24 26.31 9.04
CA PHE C 127 -3.53 27.63 9.60
C PHE C 127 -2.85 28.69 8.76
N ARG C 128 -3.62 29.70 8.37
CA ARG C 128 -3.09 30.81 7.59
C ARG C 128 -3.91 32.06 7.88
N LYS C 129 -3.33 33.22 7.55
CA LYS C 129 -4.01 34.48 7.80
C LYS C 129 -5.32 34.56 7.02
N SER C 130 -5.30 34.17 5.76
CA SER C 130 -6.47 34.20 4.90
C SER C 130 -6.17 33.33 3.68
N ASN C 131 -7.05 33.38 2.68
CA ASN C 131 -6.84 32.64 1.45
C ASN C 131 -5.66 33.23 0.67
N LEU C 132 -5.31 32.55 -0.42
CA LEU C 132 -4.20 32.97 -1.27
C LEU C 132 -4.66 33.05 -2.71
N LYS C 133 -4.02 33.93 -3.47
CA LYS C 133 -4.37 34.11 -4.87
C LYS C 133 -3.96 32.87 -5.67
N PRO C 134 -4.61 32.63 -6.82
CA PRO C 134 -4.28 31.44 -7.62
C PRO C 134 -2.82 31.45 -8.06
N PHE C 135 -2.22 30.26 -8.08
CA PHE C 135 -0.84 30.06 -8.50
C PHE C 135 0.12 30.92 -7.66
N GLU C 136 0.13 30.65 -6.35
CA GLU C 136 0.95 31.39 -5.41
C GLU C 136 1.59 30.42 -4.43
N ARG C 137 2.82 30.72 -4.01
CA ARG C 137 3.55 29.91 -3.06
C ARG C 137 3.82 30.71 -1.79
N ASP C 138 3.88 30.00 -0.66
CA ASP C 138 4.28 30.60 0.59
C ASP C 138 5.29 29.70 1.28
N ILE C 139 6.20 30.32 2.03
CA ILE C 139 7.27 29.59 2.72
C ILE C 139 7.35 29.92 4.20
N SER C 140 6.85 31.08 4.64
CA SER C 140 7.06 31.54 6.01
C SER C 140 6.48 30.55 7.01
N THR C 141 7.22 30.33 8.10
CA THR C 141 6.82 29.45 9.18
C THR C 141 6.54 30.23 10.47
N GLU C 142 6.05 31.45 10.34
CA GLU C 142 5.75 32.27 11.50
C GLU C 142 4.64 31.63 12.33
N ILE C 143 4.72 31.83 13.64
CA ILE C 143 3.77 31.20 14.55
C ILE C 143 2.41 31.88 14.42
N TYR C 144 1.37 31.09 14.18
CA TYR C 144 0.02 31.62 14.07
C TYR C 144 -0.44 32.16 15.41
N GLN C 145 -1.09 33.32 15.38
CA GLN C 145 -1.58 33.99 16.58
C GLN C 145 -3.11 33.99 16.55
N ALA C 146 -3.70 32.92 17.08
CA ALA C 146 -5.15 32.79 17.08
C ALA C 146 -5.79 33.78 18.04
N GLY C 147 -5.27 33.86 19.26
CA GLY C 147 -5.86 34.74 20.26
C GLY C 147 -5.40 36.17 20.13
N ASN C 148 -6.06 37.04 20.90
CA ASN C 148 -5.72 38.46 20.91
C ASN C 148 -4.71 38.79 22.00
N LYS C 149 -3.59 38.05 22.01
CA LYS C 149 -2.52 38.25 22.96
C LYS C 149 -1.19 38.18 22.21
N PRO C 150 -0.22 39.02 22.58
CA PRO C 150 1.06 39.03 21.88
C PRO C 150 1.93 37.86 22.29
N CYS C 151 2.07 36.89 21.39
CA CYS C 151 2.96 35.75 21.58
C CYS C 151 3.93 35.69 20.41
N ASN C 152 5.23 35.60 20.72
CA ASN C 152 6.27 35.59 19.71
C ASN C 152 7.14 34.35 19.89
N GLY C 153 7.32 33.59 18.83
CA GLY C 153 8.16 32.41 18.88
C GLY C 153 7.55 31.25 19.62
N VAL C 154 7.20 31.47 20.90
CA VAL C 154 6.63 30.42 21.72
C VAL C 154 5.25 30.05 21.19
N ALA C 155 4.99 28.76 21.10
CA ALA C 155 3.71 28.23 20.63
C ALA C 155 2.94 27.63 21.80
N GLY C 156 1.75 27.11 21.50
CA GLY C 156 0.90 26.51 22.50
C GLY C 156 -0.57 26.83 22.31
N PHE C 157 -1.27 27.14 23.39
CA PHE C 157 -2.67 27.52 23.29
C PHE C 157 -2.79 28.91 22.70
N ASN C 158 -3.68 29.07 21.72
CA ASN C 158 -3.93 30.29 20.96
C ASN C 158 -2.74 30.70 20.11
N CYS C 159 -1.64 29.93 20.11
CA CYS C 159 -0.47 30.19 19.27
C CYS C 159 0.00 28.83 18.76
N TYR C 160 -0.40 28.48 17.54
CA TYR C 160 -0.19 27.15 17.00
C TYR C 160 0.94 27.15 15.98
N PHE C 161 1.34 25.94 15.58
CA PHE C 161 2.32 25.74 14.51
C PHE C 161 1.58 25.49 13.21
N PRO C 162 1.75 26.32 12.18
CA PRO C 162 0.88 26.20 10.99
C PRO C 162 0.99 24.86 10.28
N LEU C 163 2.16 24.23 10.27
CA LEU C 163 2.37 23.03 9.47
C LEU C 163 2.01 21.78 10.28
N ARG C 164 1.29 20.87 9.63
CA ARG C 164 0.98 19.56 10.19
C ARG C 164 1.36 18.49 9.18
N SER C 165 1.80 17.34 9.70
CA SER C 165 2.37 16.29 8.88
C SER C 165 1.37 15.18 8.59
N TYR C 166 1.48 14.59 7.41
CA TYR C 166 0.78 13.35 7.10
C TYR C 166 1.38 12.19 7.86
N SER C 167 0.57 11.14 8.02
CA SER C 167 0.98 9.87 8.60
C SER C 167 0.52 8.77 7.66
N PHE C 168 1.34 8.45 6.67
CA PHE C 168 0.99 7.43 5.68
C PHE C 168 1.45 6.06 6.15
N ARG C 169 0.56 5.13 5.96
CA ARG C 169 0.88 3.83 6.45
C ARG C 169 0.25 2.84 5.48
N PRO C 170 0.83 1.67 5.24
CA PRO C 170 0.29 0.76 4.21
C PRO C 170 -1.10 0.25 4.53
N THR C 171 -1.44 0.08 5.81
CA THR C 171 -2.71 -0.51 6.21
C THR C 171 -3.86 0.49 6.25
N TYR C 172 -3.74 1.63 5.58
CA TYR C 172 -4.85 2.57 5.51
C TYR C 172 -5.82 2.11 4.42
N GLY C 173 -6.82 2.94 4.12
CA GLY C 173 -7.80 2.64 3.10
C GLY C 173 -7.70 3.62 1.94
N VAL C 174 -8.43 3.29 0.87
CA VAL C 174 -8.52 4.19 -0.27
C VAL C 174 -9.12 5.52 0.18
N GLY C 175 -8.55 6.62 -0.30
CA GLY C 175 -8.90 7.93 0.18
C GLY C 175 -8.02 8.44 1.29
N HIS C 176 -7.15 7.61 1.86
CA HIS C 176 -6.18 8.04 2.84
C HIS C 176 -4.74 7.71 2.44
N GLN C 177 -4.54 6.90 1.41
CA GLN C 177 -3.22 6.60 0.89
C GLN C 177 -2.69 7.78 0.07
N PRO C 178 -1.37 7.90 -0.07
CA PRO C 178 -0.82 9.01 -0.85
C PRO C 178 -1.05 8.83 -2.34
N TYR C 179 -1.49 9.89 -3.00
CA TYR C 179 -1.64 9.93 -4.45
C TYR C 179 -0.78 11.06 -5.00
N ARG C 180 -0.03 10.77 -6.05
CA ARG C 180 0.78 11.77 -6.73
C ARG C 180 -0.07 12.51 -7.76
N VAL C 181 0.23 13.79 -7.93
CA VAL C 181 -0.56 14.63 -8.84
C VAL C 181 0.39 15.51 -9.64
N VAL C 182 0.18 15.54 -10.95
CA VAL C 182 0.89 16.42 -11.88
C VAL C 182 -0.15 17.19 -12.67
N VAL C 183 -0.02 18.52 -12.70
CA VAL C 183 -0.96 19.39 -13.41
C VAL C 183 -0.19 20.22 -14.40
N LEU C 184 -0.69 20.27 -15.64
CA LEU C 184 -0.04 21.01 -16.71
C LEU C 184 -0.68 22.39 -16.86
N SER C 185 -0.22 23.14 -17.87
CA SER C 185 -0.80 24.45 -18.15
C SER C 185 -0.41 24.82 -19.58
N PHE C 186 -1.40 25.08 -20.42
CA PHE C 186 -1.20 25.33 -21.84
C PHE C 186 -1.64 26.73 -22.21
N GLU C 187 -0.78 27.46 -22.92
CA GLU C 187 -1.14 28.73 -23.55
C GLU C 187 -1.27 28.46 -25.04
N LEU C 188 -2.51 28.31 -25.51
CA LEU C 188 -2.78 27.72 -26.81
C LEU C 188 -2.86 28.81 -27.89
N LEU C 189 -1.88 28.82 -28.78
CA LEU C 189 -1.88 29.65 -29.99
C LEU C 189 -2.05 31.13 -29.68
N HIS C 190 -1.06 31.66 -28.95
CA HIS C 190 -0.95 33.11 -28.78
C HIS C 190 0.50 33.58 -28.98
N ALA C 191 1.36 32.74 -29.53
CA ALA C 191 2.79 33.02 -29.66
C ALA C 191 3.39 32.00 -30.62
N PRO C 192 4.66 32.16 -31.02
CA PRO C 192 5.30 31.11 -31.83
C PRO C 192 5.29 29.76 -31.13
N ALA C 193 5.07 28.71 -31.91
CA ALA C 193 4.99 27.37 -31.37
C ALA C 193 6.35 26.91 -30.84
N THR C 194 6.30 26.07 -29.81
CA THR C 194 7.55 25.65 -29.18
C THR C 194 7.70 24.14 -29.04
N VAL C 195 6.63 23.42 -28.72
CA VAL C 195 6.72 22.00 -28.39
C VAL C 195 5.53 21.24 -28.98
N CYS C 196 5.82 20.22 -29.77
CA CYS C 196 4.84 19.25 -30.26
C CYS C 196 5.56 18.10 -30.93
N GLY C 197 4.80 17.05 -31.24
CA GLY C 197 5.35 15.81 -31.72
C GLY C 197 5.28 15.65 -33.22
N PRO C 198 4.90 14.45 -33.67
CA PRO C 198 4.96 14.14 -35.11
C PRO C 198 4.00 14.97 -35.93
N LYS C 199 4.42 15.28 -37.14
CA LYS C 199 3.56 15.93 -38.15
C LYS C 199 3.84 15.32 -39.52
#